data_3NG6
#
_entry.id   3NG6
#
_cell.length_a   61.882
_cell.length_b   61.882
_cell.length_c   187.014
_cell.angle_alpha   90.00
_cell.angle_beta   90.00
_cell.angle_gamma   90.00
#
_symmetry.space_group_name_H-M   'P 41'
#
loop_
_entity.id
_entity.type
_entity.pdbx_description
1 polymer 'Hemoglobin subunit alpha-1'
2 polymer 'Hemoglobin subunit beta-1/2'
3 non-polymer 'PROTOPORPHYRIN IX CONTAINING FE'
4 water water
#
loop_
_entity_poly.entity_id
_entity_poly.type
_entity_poly.pdbx_seq_one_letter_code
_entity_poly.pdbx_strand_id
1 'polypeptide(L)'
;(ACE)SLSDKDKAAVRALWSKIGKSSDAIGNDALSRMIVVYPQTKIYFSHWPDVTPGSPNIKAHGKKVMGGIALAVSKID
DLKTGLMELSEQHAYKLRVDPSNFKILNHCILVVISTMFPKEFTPEAHVSLDKFLSGVALALAERYR
;
A,C
2 'polypeptide(L)'
;VEWTDKERSIISDIFSHMDYDDIGPKALSRCLVVYPWTQRYFSGFGNLYNAEGIMSNANVAAHGIKVLHGLDRGMKNMDN
IADAYTDLSTLHSEKLHVDPDNFKLLSDCITIVLAAKMGHAFTAETQGAFQKFLAAVVSALGKQYH
;
B,D
#
loop_
_chem_comp.id
_chem_comp.type
_chem_comp.name
_chem_comp.formula
ACE non-polymer 'ACETYL GROUP' 'C2 H4 O'
HEM non-polymer 'PROTOPORPHYRIN IX CONTAINING FE' 'C34 H32 Fe N4 O4'
#
# COMPACT_ATOMS: atom_id res chain seq x y z
C ACE A 1 13.64 -7.75 5.75
O ACE A 1 14.00 -7.21 4.62
CH3 ACE A 1 12.24 -7.93 6.07
N SER A 2 14.60 -8.12 6.56
CA SER A 2 16.01 -7.94 6.18
C SER A 2 16.47 -9.01 5.22
N LEU A 3 17.50 -8.72 4.43
CA LEU A 3 18.00 -9.77 3.54
C LEU A 3 18.87 -10.77 4.29
N SER A 4 18.48 -12.04 4.20
CA SER A 4 19.26 -13.14 4.74
C SER A 4 20.45 -13.44 3.86
N ASP A 5 21.38 -14.27 4.34
CA ASP A 5 22.49 -14.68 3.48
C ASP A 5 21.92 -15.30 2.22
N LYS A 6 20.91 -16.16 2.43
CA LYS A 6 20.25 -16.81 1.31
C LYS A 6 19.67 -15.77 0.36
N ASP A 7 19.05 -14.74 0.93
CA ASP A 7 18.54 -13.67 0.08
C ASP A 7 19.67 -12.95 -0.64
N LYS A 8 20.74 -12.63 0.08
CA LYS A 8 21.85 -11.90 -0.57
C LYS A 8 22.46 -12.77 -1.66
N ALA A 9 22.62 -14.05 -1.34
CA ALA A 9 23.08 -15.04 -2.31
C ALA A 9 22.15 -15.10 -3.53
N ALA A 10 20.86 -15.25 -3.28
CA ALA A 10 19.88 -15.38 -4.36
C ALA A 10 19.87 -14.16 -5.26
N VAL A 11 19.93 -12.95 -4.70
CA VAL A 11 19.96 -11.76 -5.55
C VAL A 11 21.25 -11.64 -6.36
N ARG A 12 22.40 -11.96 -5.76
CA ARG A 12 23.69 -11.86 -6.42
C ARG A 12 23.80 -12.80 -7.61
N ALA A 13 23.37 -14.04 -7.42
CA ALA A 13 23.38 -15.04 -8.49
C ALA A 13 22.51 -14.63 -9.68
N LEU A 14 21.29 -14.17 -9.39
CA LEU A 14 20.38 -13.72 -10.44
C LEU A 14 20.95 -12.53 -11.19
N TRP A 15 21.50 -11.58 -10.45
CA TRP A 15 22.08 -10.40 -11.08
C TRP A 15 23.36 -10.73 -11.84
N SER A 16 24.07 -11.78 -11.44
CA SER A 16 25.25 -12.11 -12.25
C SER A 16 24.76 -12.71 -13.57
N LYS A 17 23.64 -13.42 -13.52
CA LYS A 17 23.01 -14.03 -14.67
C LYS A 17 22.28 -13.05 -15.58
N ILE A 18 21.61 -12.02 -15.05
CA ILE A 18 20.83 -11.15 -15.94
C ILE A 18 21.44 -9.77 -16.14
N GLY A 19 22.40 -9.41 -15.29
CA GLY A 19 23.04 -8.11 -15.33
C GLY A 19 23.44 -7.66 -16.71
N LYS A 20 23.76 -8.58 -17.62
CA LYS A 20 24.18 -8.17 -18.96
C LYS A 20 23.13 -7.30 -19.63
N SER A 21 21.85 -7.55 -19.36
CA SER A 21 20.80 -6.81 -20.05
C SER A 21 20.25 -5.65 -19.27
N SER A 22 20.99 -5.15 -18.29
CA SER A 22 20.53 -4.07 -17.42
C SER A 22 19.96 -2.89 -18.18
N ASP A 23 20.55 -2.55 -19.33
CA ASP A 23 20.01 -1.45 -20.14
C ASP A 23 18.61 -1.77 -20.65
N ALA A 24 18.39 -2.96 -21.21
CA ALA A 24 17.05 -3.27 -21.71
C ALA A 24 16.03 -3.36 -20.58
N ILE A 25 16.40 -3.99 -19.48
CA ILE A 25 15.46 -4.09 -18.36
C ILE A 25 14.96 -2.74 -17.89
N GLY A 26 15.83 -1.74 -17.80
CA GLY A 26 15.42 -0.42 -17.38
C GLY A 26 14.48 0.26 -18.35
N ASN A 27 14.82 0.23 -19.65
CA ASN A 27 13.96 0.90 -20.61
C ASN A 27 12.56 0.28 -20.57
N ASP A 28 12.55 -1.05 -20.57
CA ASP A 28 11.28 -1.75 -20.60
C ASP A 28 10.45 -1.51 -19.34
N ALA A 29 11.08 -1.49 -18.18
CA ALA A 29 10.42 -1.27 -16.90
C ALA A 29 9.78 0.11 -16.78
N LEU A 30 10.51 1.16 -17.14
CA LEU A 30 9.97 2.50 -17.01
C LEU A 30 8.88 2.74 -18.07
N SER A 31 9.04 2.11 -19.23
CA SER A 31 8.01 2.26 -20.28
C SER A 31 6.70 1.73 -19.74
N ARG A 32 6.75 0.50 -19.24
CA ARG A 32 5.65 -0.17 -18.59
C ARG A 32 5.02 0.67 -17.49
N MET A 33 5.89 1.35 -16.73
CA MET A 33 5.42 2.19 -15.64
C MET A 33 4.59 3.36 -16.18
N ILE A 34 5.10 4.08 -17.18
CA ILE A 34 4.37 5.23 -17.67
C ILE A 34 3.10 4.82 -18.43
N VAL A 35 3.09 3.63 -18.99
CA VAL A 35 1.91 3.14 -19.71
C VAL A 35 0.88 2.58 -18.73
N VAL A 36 1.30 1.66 -17.87
CA VAL A 36 0.37 1.03 -16.92
C VAL A 36 0.02 1.94 -15.75
N TYR A 37 0.91 2.83 -15.33
CA TYR A 37 0.57 3.73 -14.23
C TYR A 37 0.92 5.18 -14.64
N PRO A 38 0.06 5.71 -15.51
CA PRO A 38 0.24 7.02 -16.14
C PRO A 38 0.39 8.16 -15.13
N GLN A 39 -0.20 8.01 -13.95
CA GLN A 39 -0.04 9.04 -12.94
C GLN A 39 1.42 9.33 -12.65
N THR A 40 2.30 8.35 -12.84
CA THR A 40 3.73 8.54 -12.61
C THR A 40 4.32 9.52 -13.63
N LYS A 41 3.56 9.82 -14.68
CA LYS A 41 4.05 10.74 -15.70
C LYS A 41 4.28 12.13 -15.13
N ILE A 42 3.56 12.51 -14.08
CA ILE A 42 3.69 13.86 -13.55
C ILE A 42 5.13 14.21 -13.23
N TYR A 43 5.87 13.26 -12.65
CA TYR A 43 7.26 13.53 -12.27
C TYR A 43 8.15 13.81 -13.46
N PHE A 44 7.67 13.49 -14.66
CA PHE A 44 8.47 13.70 -15.86
C PHE A 44 7.83 14.76 -16.76
N SER A 45 6.83 15.46 -16.25
CA SER A 45 6.08 16.44 -17.02
C SER A 45 6.90 17.64 -17.46
N HIS A 46 8.18 17.71 -17.13
CA HIS A 46 9.06 18.80 -17.56
C HIS A 46 9.64 18.50 -18.94
N TRP A 47 9.05 17.50 -19.56
CA TRP A 47 9.32 17.02 -20.89
C TRP A 47 7.99 16.66 -21.57
N PRO A 48 7.83 17.10 -22.81
CA PRO A 48 6.67 16.74 -23.63
C PRO A 48 6.86 15.38 -24.29
N ASP A 49 7.53 14.49 -23.58
CA ASP A 49 7.92 13.20 -24.12
C ASP A 49 7.76 12.07 -23.10
N VAL A 50 6.51 11.80 -22.74
CA VAL A 50 6.20 10.74 -21.80
C VAL A 50 5.80 9.47 -22.55
N THR A 51 6.76 8.84 -23.22
CA THR A 51 6.44 7.64 -23.99
C THR A 51 7.53 6.57 -23.90
N PRO A 52 7.05 5.32 -23.92
CA PRO A 52 7.93 4.15 -23.86
C PRO A 52 9.03 4.24 -24.91
N GLY A 53 10.14 3.56 -24.65
CA GLY A 53 11.31 3.55 -25.50
C GLY A 53 11.80 4.90 -25.97
N SER A 54 11.43 5.98 -25.28
CA SER A 54 11.85 7.31 -25.67
C SER A 54 13.28 7.55 -25.20
N PRO A 55 13.98 8.47 -25.87
CA PRO A 55 15.37 8.77 -25.51
C PRO A 55 15.45 9.13 -24.03
N ASN A 56 14.50 9.95 -23.56
CA ASN A 56 14.48 10.31 -22.15
C ASN A 56 14.06 9.11 -21.30
N ILE A 57 13.27 8.20 -21.91
CA ILE A 57 12.81 7.04 -21.16
C ILE A 57 13.92 5.99 -21.06
N LYS A 58 14.66 5.82 -22.15
CA LYS A 58 15.75 4.86 -22.23
C LYS A 58 16.86 5.21 -21.25
N ALA A 59 17.09 6.51 -21.16
CA ALA A 59 18.11 7.12 -20.33
C ALA A 59 17.87 6.90 -18.84
N HIS A 60 16.74 7.39 -18.33
CA HIS A 60 16.46 7.22 -16.90
C HIS A 60 16.54 5.74 -16.52
N GLY A 61 15.94 4.88 -17.33
CA GLY A 61 15.97 3.44 -17.09
C GLY A 61 17.39 2.94 -16.97
N LYS A 62 18.25 3.47 -17.84
CA LYS A 62 19.68 3.13 -17.79
C LYS A 62 20.23 3.53 -16.41
N LYS A 63 19.82 4.72 -15.99
CA LYS A 63 20.24 5.19 -14.68
C LYS A 63 19.54 4.43 -13.58
N VAL A 64 18.32 3.96 -13.84
CA VAL A 64 17.64 3.22 -12.77
C VAL A 64 18.34 1.89 -12.51
N MET A 65 18.61 1.13 -13.57
CA MET A 65 19.24 -0.19 -13.39
C MET A 65 20.68 -0.03 -12.90
N GLY A 66 21.30 1.12 -13.20
CA GLY A 66 22.61 1.39 -12.64
C GLY A 66 22.51 1.54 -11.13
N GLY A 67 21.39 2.09 -10.66
CA GLY A 67 21.21 2.22 -9.20
C GLY A 67 20.93 0.86 -8.59
N ILE A 68 20.26 0.00 -9.35
CA ILE A 68 19.97 -1.35 -8.89
C ILE A 68 21.23 -2.20 -8.84
N ALA A 69 22.11 -2.04 -9.83
CA ALA A 69 23.36 -2.80 -9.75
C ALA A 69 24.19 -2.24 -8.59
N LEU A 70 24.09 -0.94 -8.38
CA LEU A 70 24.76 -0.35 -7.21
C LEU A 70 24.27 -0.97 -5.90
N ALA A 71 22.96 -1.06 -5.77
CA ALA A 71 22.33 -1.63 -4.59
C ALA A 71 22.73 -3.09 -4.39
N VAL A 72 22.96 -3.80 -5.49
CA VAL A 72 23.40 -5.19 -5.34
C VAL A 72 24.79 -5.18 -4.71
N SER A 73 25.64 -4.32 -5.26
CA SER A 73 27.00 -4.19 -4.79
C SER A 73 27.03 -3.71 -3.34
N LYS A 74 25.98 -3.02 -2.92
CA LYS A 74 25.85 -2.49 -1.56
C LYS A 74 24.83 -3.28 -0.74
N ILE A 75 24.46 -4.46 -1.23
CA ILE A 75 23.40 -5.23 -0.62
C ILE A 75 23.58 -5.44 0.87
N ASP A 76 24.79 -5.38 1.40
CA ASP A 76 24.96 -5.62 2.83
C ASP A 76 24.62 -4.39 3.67
N ASP A 77 24.39 -3.25 3.04
CA ASP A 77 23.96 -2.04 3.73
C ASP A 77 23.46 -1.03 2.72
N LEU A 78 22.22 -1.25 2.29
CA LEU A 78 21.57 -0.40 1.30
C LEU A 78 21.43 1.03 1.80
N LYS A 79 21.03 1.18 3.05
CA LYS A 79 20.79 2.48 3.65
C LYS A 79 21.99 3.39 3.44
N THR A 80 23.17 2.87 3.78
CA THR A 80 24.39 3.62 3.53
C THR A 80 24.71 3.64 2.04
N GLY A 81 24.56 2.49 1.38
CA GLY A 81 24.88 2.40 -0.03
C GLY A 81 24.16 3.36 -0.93
N LEU A 82 22.95 3.80 -0.53
CA LEU A 82 22.21 4.66 -1.46
C LEU A 82 21.91 6.02 -0.85
N MET A 83 22.76 6.54 0.03
CA MET A 83 22.47 7.86 0.58
C MET A 83 22.34 8.90 -0.54
N GLU A 84 23.32 8.91 -1.45
CA GLU A 84 23.26 9.90 -2.52
C GLU A 84 21.96 9.76 -3.31
N LEU A 85 21.67 8.54 -3.75
CA LEU A 85 20.45 8.30 -4.51
C LEU A 85 19.22 8.80 -3.75
N SER A 86 19.19 8.53 -2.45
CA SER A 86 18.06 8.99 -1.64
C SER A 86 17.98 10.52 -1.69
N GLU A 87 19.10 11.20 -1.45
CA GLU A 87 19.11 12.67 -1.49
C GLU A 87 18.55 13.24 -2.79
N GLN A 88 18.89 12.68 -3.95
CA GLN A 88 18.38 13.22 -5.21
C GLN A 88 16.86 13.19 -5.29
N HIS A 89 16.28 12.00 -5.11
CA HIS A 89 14.83 11.88 -5.25
C HIS A 89 14.13 12.61 -4.11
N ALA A 90 14.88 12.92 -3.06
CA ALA A 90 14.31 13.62 -1.92
C ALA A 90 14.16 15.12 -2.15
N TYR A 91 15.11 15.87 -1.62
CA TYR A 91 15.19 17.32 -1.62
C TYR A 91 15.07 17.93 -3.00
N LYS A 92 15.50 17.19 -4.01
CA LYS A 92 15.44 17.64 -5.40
C LYS A 92 14.10 17.31 -6.05
N LEU A 93 13.96 16.06 -6.47
CA LEU A 93 12.78 15.58 -7.19
C LEU A 93 11.57 15.44 -6.30
N ARG A 94 11.79 14.91 -5.09
CA ARG A 94 10.65 14.72 -4.21
C ARG A 94 9.63 13.76 -4.82
N VAL A 95 10.07 12.54 -5.11
CA VAL A 95 9.21 11.49 -5.63
C VAL A 95 8.42 10.82 -4.51
N ASP A 96 7.11 10.72 -4.64
CA ASP A 96 6.36 10.01 -3.59
C ASP A 96 6.89 8.58 -3.49
N PRO A 97 7.22 8.16 -2.28
CA PRO A 97 7.87 6.85 -2.07
C PRO A 97 7.04 5.69 -2.57
N SER A 98 5.76 5.91 -2.77
CA SER A 98 4.81 4.92 -3.28
C SER A 98 5.12 4.52 -4.71
N ASN A 99 5.74 5.39 -5.49
CA ASN A 99 6.05 5.05 -6.89
C ASN A 99 7.19 4.05 -6.96
N PHE A 100 8.05 4.01 -5.94
CA PHE A 100 9.12 3.01 -5.93
C PHE A 100 8.52 1.61 -5.99
N LYS A 101 7.41 1.41 -5.28
CA LYS A 101 6.78 0.10 -5.25
C LYS A 101 6.26 -0.28 -6.63
N ILE A 102 5.66 0.70 -7.29
CA ILE A 102 5.09 0.53 -8.62
C ILE A 102 6.19 0.14 -9.60
N LEU A 103 7.33 0.82 -9.49
CA LEU A 103 8.45 0.56 -10.40
C LEU A 103 8.99 -0.85 -10.13
N ASN A 104 9.03 -1.21 -8.84
CA ASN A 104 9.52 -2.52 -8.44
C ASN A 104 8.69 -3.61 -9.10
N HIS A 105 7.38 -3.42 -9.08
CA HIS A 105 6.51 -4.40 -9.73
C HIS A 105 6.80 -4.44 -11.23
N CYS A 106 6.91 -3.26 -11.85
CA CYS A 106 7.26 -3.27 -13.27
C CYS A 106 8.59 -3.98 -13.50
N ILE A 107 9.51 -3.84 -12.54
CA ILE A 107 10.84 -4.45 -12.71
C ILE A 107 10.76 -5.97 -12.66
N LEU A 108 9.97 -6.53 -11.76
CA LEU A 108 9.75 -7.96 -11.67
C LEU A 108 9.07 -8.52 -12.92
N VAL A 109 8.14 -7.78 -13.50
CA VAL A 109 7.43 -8.23 -14.71
C VAL A 109 8.40 -8.30 -15.87
N VAL A 110 9.17 -7.22 -16.04
CA VAL A 110 10.15 -7.22 -17.11
C VAL A 110 11.14 -8.37 -16.98
N ILE A 111 11.71 -8.53 -15.79
CA ILE A 111 12.63 -9.65 -15.59
C ILE A 111 11.89 -10.96 -15.86
N SER A 112 10.62 -11.03 -15.47
CA SER A 112 9.88 -12.27 -15.74
C SER A 112 9.75 -12.56 -17.24
N THR A 113 9.44 -11.52 -18.00
CA THR A 113 9.26 -11.64 -19.44
C THR A 113 10.59 -12.00 -20.10
N MET A 114 11.69 -11.47 -19.57
CA MET A 114 13.00 -11.61 -20.17
C MET A 114 13.80 -12.81 -19.69
N PHE A 115 13.65 -13.23 -18.42
CA PHE A 115 14.46 -14.36 -17.97
C PHE A 115 13.63 -15.38 -17.20
N PRO A 116 12.68 -15.98 -17.92
CA PRO A 116 11.72 -16.93 -17.35
C PRO A 116 12.35 -18.14 -16.68
N LYS A 117 13.55 -18.54 -17.09
CA LYS A 117 14.14 -19.73 -16.48
C LYS A 117 14.83 -19.36 -15.17
N GLU A 118 15.44 -18.19 -15.15
CA GLU A 118 16.16 -17.58 -14.07
C GLU A 118 15.24 -17.03 -12.97
N PHE A 119 14.08 -16.53 -13.37
CA PHE A 119 13.16 -15.93 -12.41
C PHE A 119 12.29 -16.95 -11.70
N THR A 120 12.93 -17.84 -10.95
CA THR A 120 12.22 -18.85 -10.17
C THR A 120 11.48 -18.17 -9.04
N PRO A 121 10.57 -18.86 -8.37
CA PRO A 121 9.87 -18.19 -7.25
C PRO A 121 10.86 -17.81 -6.17
N GLU A 122 11.86 -18.67 -5.98
CA GLU A 122 12.93 -18.42 -5.00
C GLU A 122 13.66 -17.14 -5.33
N ALA A 123 14.07 -16.97 -6.58
CA ALA A 123 14.73 -15.71 -6.95
C ALA A 123 13.75 -14.56 -6.85
N HIS A 124 12.47 -14.90 -6.96
CA HIS A 124 11.42 -13.87 -6.88
C HIS A 124 11.33 -13.36 -5.45
N VAL A 125 11.09 -14.25 -4.49
CA VAL A 125 10.92 -13.81 -3.10
C VAL A 125 12.13 -13.02 -2.64
N SER A 126 13.34 -13.46 -3.00
CA SER A 126 14.53 -12.75 -2.55
C SER A 126 14.66 -11.43 -3.28
N LEU A 127 14.38 -11.43 -4.59
CA LEU A 127 14.49 -10.17 -5.33
C LEU A 127 13.45 -9.17 -4.81
N ASP A 128 12.24 -9.65 -4.60
CA ASP A 128 11.17 -8.80 -4.09
C ASP A 128 11.55 -8.22 -2.73
N LYS A 129 12.12 -9.03 -1.85
CA LYS A 129 12.59 -8.57 -0.54
C LYS A 129 13.64 -7.48 -0.67
N PHE A 130 14.53 -7.70 -1.63
CA PHE A 130 15.61 -6.79 -1.97
C PHE A 130 15.11 -5.45 -2.46
N LEU A 131 14.13 -5.46 -3.37
CA LEU A 131 13.65 -4.19 -3.90
C LEU A 131 12.85 -3.42 -2.85
N SER A 132 12.23 -4.10 -1.90
CA SER A 132 11.59 -3.35 -0.82
C SER A 132 12.67 -2.73 0.06
N GLY A 133 13.75 -3.48 0.27
CA GLY A 133 14.90 -2.91 0.99
C GLY A 133 15.36 -1.64 0.28
N VAL A 134 15.53 -1.74 -1.03
CA VAL A 134 15.97 -0.61 -1.84
C VAL A 134 15.00 0.57 -1.76
N ALA A 135 13.71 0.26 -1.85
CA ALA A 135 12.69 1.29 -1.70
C ALA A 135 12.83 1.99 -0.35
N LEU A 136 12.89 1.21 0.73
CA LEU A 136 13.06 1.80 2.06
C LEU A 136 14.38 2.56 2.16
N ALA A 137 15.32 2.21 1.30
CA ALA A 137 16.62 2.88 1.33
C ALA A 137 16.52 4.25 0.68
N LEU A 138 15.77 4.31 -0.41
CA LEU A 138 15.61 5.52 -1.20
C LEU A 138 14.81 6.57 -0.46
N ALA A 139 14.02 6.10 0.50
CA ALA A 139 13.17 6.93 1.34
C ALA A 139 13.88 7.51 2.56
N GLU A 140 15.06 7.02 2.89
CA GLU A 140 15.80 7.41 4.08
C GLU A 140 15.89 8.92 4.34
N ARG A 141 16.07 9.71 3.28
CA ARG A 141 16.23 11.14 3.44
C ARG A 141 14.95 11.93 3.21
N TYR A 142 13.82 11.23 3.08
CA TYR A 142 12.58 11.95 2.84
C TYR A 142 12.02 12.62 4.09
N ARG A 143 12.11 11.97 5.26
CA ARG A 143 11.37 12.52 6.40
C ARG A 143 11.92 12.08 7.75
N VAL B 1 -15.74 -2.23 -14.85
CA VAL B 1 -15.88 -0.80 -15.12
C VAL B 1 -16.22 -0.55 -16.60
N GLU B 2 -15.57 0.44 -17.18
CA GLU B 2 -15.79 0.78 -18.59
C GLU B 2 -14.63 0.25 -19.43
N TRP B 3 -14.96 -0.54 -20.44
CA TRP B 3 -13.96 -1.23 -21.25
C TRP B 3 -13.83 -0.72 -22.68
N THR B 4 -12.61 -0.45 -23.14
CA THR B 4 -12.42 -0.13 -24.54
C THR B 4 -12.39 -1.44 -25.32
N ASP B 5 -12.70 -1.32 -26.60
CA ASP B 5 -12.69 -2.51 -27.47
C ASP B 5 -11.33 -3.17 -27.44
N LYS B 6 -10.27 -2.38 -27.38
CA LYS B 6 -8.93 -2.97 -27.32
C LYS B 6 -8.80 -3.92 -26.13
N GLU B 7 -9.18 -3.45 -24.95
CA GLU B 7 -9.04 -4.26 -23.74
C GLU B 7 -9.84 -5.54 -23.87
N ARG B 8 -11.05 -5.39 -24.42
CA ARG B 8 -11.87 -6.57 -24.64
C ARG B 8 -11.08 -7.57 -25.50
N SER B 9 -10.52 -7.12 -26.62
CA SER B 9 -9.79 -8.06 -27.46
C SER B 9 -8.56 -8.61 -26.75
N ILE B 10 -7.82 -7.71 -26.10
CA ILE B 10 -6.63 -8.20 -25.37
C ILE B 10 -7.08 -9.24 -24.36
N ILE B 11 -8.07 -8.90 -23.54
CA ILE B 11 -8.54 -9.89 -22.56
C ILE B 11 -8.99 -11.16 -23.29
N SER B 12 -9.71 -11.02 -24.40
CA SER B 12 -10.14 -12.19 -25.15
C SER B 12 -8.97 -13.04 -25.63
N ASP B 13 -7.95 -12.42 -26.19
CA ASP B 13 -6.78 -13.15 -26.66
C ASP B 13 -6.17 -14.00 -25.56
N ILE B 14 -5.74 -13.35 -24.48
CA ILE B 14 -5.06 -13.99 -23.36
C ILE B 14 -5.78 -15.23 -22.88
N PHE B 15 -7.09 -15.14 -22.66
CA PHE B 15 -7.83 -16.30 -22.16
C PHE B 15 -7.92 -17.40 -23.22
N SER B 16 -8.03 -16.98 -24.47
CA SER B 16 -8.10 -17.94 -25.59
C SER B 16 -6.87 -18.83 -25.63
N HIS B 17 -5.70 -18.24 -25.38
CA HIS B 17 -4.48 -19.04 -25.39
C HIS B 17 -3.98 -19.41 -24.00
N MET B 18 -4.81 -19.32 -22.97
CA MET B 18 -4.29 -19.61 -21.64
C MET B 18 -4.26 -21.11 -21.33
N ASP B 19 -3.06 -21.56 -20.96
CA ASP B 19 -2.89 -22.94 -20.52
C ASP B 19 -3.08 -22.97 -19.01
N TYR B 20 -4.34 -23.03 -18.60
CA TYR B 20 -4.78 -23.05 -17.21
C TYR B 20 -4.01 -24.09 -16.40
N ASP B 21 -3.65 -25.18 -17.07
CA ASP B 21 -2.96 -26.32 -16.50
C ASP B 21 -1.50 -26.01 -16.23
N ASP B 22 -0.98 -24.99 -16.89
CA ASP B 22 0.41 -24.57 -16.68
C ASP B 22 0.49 -23.32 -15.80
N ILE B 23 -0.30 -22.30 -16.13
CA ILE B 23 -0.31 -21.07 -15.37
C ILE B 23 -0.81 -21.25 -13.93
N GLY B 24 -1.94 -21.93 -13.77
CA GLY B 24 -2.59 -22.14 -12.50
C GLY B 24 -1.74 -22.74 -11.42
N PRO B 25 -1.08 -23.87 -11.69
CA PRO B 25 -0.22 -24.46 -10.65
C PRO B 25 0.94 -23.52 -10.32
N LYS B 26 1.56 -23.01 -11.38
CA LYS B 26 2.70 -22.10 -11.21
C LYS B 26 2.28 -20.80 -10.56
N ALA B 27 1.13 -20.22 -10.92
CA ALA B 27 0.74 -18.99 -10.22
C ALA B 27 0.44 -19.24 -8.76
N LEU B 28 -0.24 -20.33 -8.42
CA LEU B 28 -0.55 -20.58 -7.02
C LEU B 28 0.71 -20.95 -6.24
N SER B 29 1.55 -21.77 -6.89
CA SER B 29 2.83 -22.11 -6.29
C SER B 29 3.66 -20.89 -5.99
N ARG B 30 3.79 -19.99 -6.97
CA ARG B 30 4.63 -18.81 -6.76
C ARG B 30 4.09 -17.97 -5.62
N CYS B 31 2.76 -17.96 -5.50
CA CYS B 31 2.17 -17.19 -4.41
C CYS B 31 2.55 -17.77 -3.06
N LEU B 32 2.50 -19.09 -2.94
CA LEU B 32 2.71 -19.74 -1.65
C LEU B 32 4.13 -19.54 -1.14
N VAL B 33 5.09 -19.39 -2.04
CA VAL B 33 6.45 -19.15 -1.53
C VAL B 33 6.74 -17.66 -1.43
N VAL B 34 6.26 -16.85 -2.36
CA VAL B 34 6.55 -15.42 -2.35
C VAL B 34 5.81 -14.70 -1.23
N TYR B 35 4.70 -15.29 -0.80
CA TYR B 35 3.86 -14.72 0.25
C TYR B 35 3.40 -15.82 1.20
N PRO B 36 4.38 -16.40 1.91
CA PRO B 36 4.18 -17.55 2.77
C PRO B 36 2.97 -17.45 3.69
N TRP B 37 2.54 -16.25 4.06
CA TRP B 37 1.40 -16.17 4.98
C TRP B 37 0.15 -16.77 4.34
N THR B 38 0.13 -16.83 3.01
CA THR B 38 -1.00 -17.42 2.30
C THR B 38 -1.09 -18.91 2.54
N GLN B 39 -0.09 -19.52 3.17
CA GLN B 39 -0.14 -20.96 3.36
C GLN B 39 -1.18 -21.39 4.39
N ARG B 40 -1.49 -20.51 5.33
CA ARG B 40 -2.41 -20.86 6.42
C ARG B 40 -3.73 -21.42 5.87
N TYR B 41 -4.21 -20.86 4.78
CA TYR B 41 -5.47 -21.28 4.18
C TYR B 41 -5.42 -22.67 3.55
N PHE B 42 -4.26 -23.33 3.55
CA PHE B 42 -4.18 -24.63 2.88
C PHE B 42 -3.58 -25.69 3.79
N SER B 43 -4.16 -25.80 4.98
CA SER B 43 -3.71 -26.66 6.05
C SER B 43 -3.59 -28.13 5.71
N GLY B 44 -4.55 -28.68 4.97
CA GLY B 44 -4.55 -30.11 4.72
C GLY B 44 -3.80 -30.52 3.46
N PHE B 45 -3.39 -29.53 2.69
CA PHE B 45 -2.74 -29.68 1.40
C PHE B 45 -1.43 -30.45 1.45
N GLY B 46 -0.89 -30.71 2.64
CA GLY B 46 0.34 -31.49 2.73
C GLY B 46 1.59 -30.65 2.91
N ASN B 47 2.61 -30.91 2.12
CA ASN B 47 3.89 -30.21 2.19
C ASN B 47 3.82 -28.81 1.57
N LEU B 48 3.86 -27.82 2.43
CA LEU B 48 3.92 -26.40 2.08
C LEU B 48 5.12 -25.76 2.77
N TYR B 49 5.96 -26.63 3.30
CA TYR B 49 7.13 -26.35 4.12
C TYR B 49 8.25 -25.64 3.39
N ASN B 50 8.58 -25.95 2.14
CA ASN B 50 9.58 -25.12 1.44
C ASN B 50 9.20 -24.95 -0.03
N ALA B 51 10.07 -24.32 -0.82
CA ALA B 51 9.83 -24.09 -2.23
C ALA B 51 9.58 -25.41 -2.98
N GLU B 52 10.53 -26.33 -2.87
CA GLU B 52 10.46 -27.63 -3.50
C GLU B 52 9.09 -28.29 -3.28
N GLY B 53 8.77 -28.45 -2.00
CA GLY B 53 7.56 -29.09 -1.53
C GLY B 53 6.30 -28.44 -2.06
N ILE B 54 6.30 -27.12 -2.20
CA ILE B 54 5.10 -26.48 -2.73
C ILE B 54 5.02 -26.73 -4.24
N MET B 55 6.17 -26.62 -4.89
CA MET B 55 6.34 -26.75 -6.32
C MET B 55 5.89 -28.10 -6.86
N SER B 56 5.94 -29.13 -6.02
CA SER B 56 5.53 -30.46 -6.50
C SER B 56 4.30 -30.98 -5.77
N ASN B 57 3.61 -30.07 -5.09
CA ASN B 57 2.43 -30.43 -4.31
C ASN B 57 1.18 -30.50 -5.18
N ALA B 58 0.68 -31.73 -5.36
CA ALA B 58 -0.50 -32.00 -6.17
C ALA B 58 -1.71 -31.16 -5.78
N ASN B 59 -1.92 -31.04 -4.46
CA ASN B 59 -3.08 -30.29 -3.98
C ASN B 59 -3.04 -28.85 -4.50
N VAL B 60 -1.82 -28.33 -4.63
CA VAL B 60 -1.66 -26.96 -5.07
C VAL B 60 -1.83 -26.83 -6.58
N ALA B 61 -1.34 -27.83 -7.31
CA ALA B 61 -1.51 -27.76 -8.76
C ALA B 61 -3.01 -27.72 -9.09
N ALA B 62 -3.72 -28.72 -8.61
CA ALA B 62 -5.15 -28.81 -8.87
C ALA B 62 -5.88 -27.58 -8.41
N HIS B 63 -5.56 -27.03 -7.23
CA HIS B 63 -6.32 -25.87 -6.77
C HIS B 63 -5.98 -24.61 -7.56
N GLY B 64 -4.72 -24.47 -7.98
CA GLY B 64 -4.36 -23.30 -8.77
C GLY B 64 -5.16 -23.25 -10.06
N ILE B 65 -5.25 -24.38 -10.75
CA ILE B 65 -6.03 -24.51 -11.98
C ILE B 65 -7.46 -24.01 -11.76
N LYS B 66 -8.02 -24.39 -10.63
CA LYS B 66 -9.33 -24.02 -10.12
C LYS B 66 -9.47 -22.52 -9.88
N VAL B 67 -8.50 -21.97 -9.16
CA VAL B 67 -8.44 -20.54 -8.83
C VAL B 67 -8.46 -19.71 -10.11
N LEU B 68 -7.66 -20.13 -11.08
CA LEU B 68 -7.55 -19.45 -12.36
C LEU B 68 -8.86 -19.50 -13.13
N HIS B 69 -9.60 -20.60 -13.00
CA HIS B 69 -10.87 -20.77 -13.70
C HIS B 69 -11.92 -19.81 -13.15
N GLY B 70 -11.79 -19.50 -11.87
CA GLY B 70 -12.66 -18.62 -11.12
C GLY B 70 -12.77 -17.24 -11.75
N LEU B 71 -11.78 -16.88 -12.56
CA LEU B 71 -11.69 -15.64 -13.30
C LEU B 71 -12.56 -15.69 -14.56
N ASP B 72 -12.77 -16.91 -15.02
CA ASP B 72 -13.47 -17.15 -16.28
C ASP B 72 -14.79 -16.41 -16.34
N ARG B 73 -15.58 -16.45 -15.27
CA ARG B 73 -16.84 -15.70 -15.30
C ARG B 73 -16.62 -14.23 -15.58
N GLY B 74 -15.53 -13.69 -15.02
CA GLY B 74 -15.28 -12.26 -15.13
C GLY B 74 -15.17 -11.78 -16.55
N MET B 75 -14.25 -12.40 -17.32
CA MET B 75 -14.04 -11.94 -18.70
C MET B 75 -15.19 -12.38 -19.61
N LYS B 76 -16.07 -13.22 -19.10
CA LYS B 76 -17.22 -13.76 -19.79
C LYS B 76 -18.47 -12.90 -19.59
N ASN B 77 -18.35 -11.91 -18.73
CA ASN B 77 -19.35 -10.90 -18.44
C ASN B 77 -18.63 -9.66 -17.88
N MET B 78 -17.73 -9.15 -18.72
CA MET B 78 -16.86 -8.03 -18.46
C MET B 78 -17.59 -6.77 -18.03
N ASP B 79 -18.87 -6.65 -18.36
CA ASP B 79 -19.57 -5.43 -17.92
C ASP B 79 -20.34 -5.70 -16.64
N ASN B 80 -20.21 -6.91 -16.11
CA ASN B 80 -20.94 -7.30 -14.91
C ASN B 80 -20.13 -8.18 -13.97
N ILE B 81 -18.86 -7.81 -13.78
CA ILE B 81 -17.93 -8.60 -12.99
C ILE B 81 -18.22 -8.57 -11.50
N ALA B 82 -18.66 -7.43 -10.97
CA ALA B 82 -18.90 -7.35 -9.53
C ALA B 82 -19.95 -8.35 -9.10
N ASP B 83 -21.06 -8.31 -9.81
CA ASP B 83 -22.21 -9.17 -9.57
C ASP B 83 -21.86 -10.62 -9.85
N ALA B 84 -21.02 -10.82 -10.87
CA ALA B 84 -20.58 -12.16 -11.23
C ALA B 84 -19.83 -12.82 -10.08
N TYR B 85 -19.31 -12.04 -9.14
CA TYR B 85 -18.56 -12.66 -8.04
C TYR B 85 -19.29 -12.57 -6.71
N THR B 86 -20.59 -12.34 -6.76
CA THR B 86 -21.38 -12.23 -5.53
C THR B 86 -21.15 -13.43 -4.62
N ASP B 87 -21.33 -14.62 -5.17
CA ASP B 87 -21.24 -15.84 -4.40
C ASP B 87 -19.84 -16.11 -3.86
N LEU B 88 -18.84 -16.11 -4.73
CA LEU B 88 -17.48 -16.38 -4.28
C LEU B 88 -17.04 -15.39 -3.20
N SER B 89 -17.42 -14.13 -3.37
CA SER B 89 -17.13 -13.15 -2.34
C SER B 89 -17.70 -13.62 -1.00
N THR B 90 -18.95 -14.08 -1.08
CA THR B 90 -19.61 -14.61 0.10
C THR B 90 -18.93 -15.89 0.55
N LEU B 91 -18.57 -16.77 -0.39
CA LEU B 91 -17.85 -17.97 0.02
C LEU B 91 -16.55 -17.63 0.73
N HIS B 92 -15.81 -16.69 0.14
CA HIS B 92 -14.46 -16.40 0.62
C HIS B 92 -14.42 -15.71 1.97
N SER B 93 -15.44 -14.90 2.23
CA SER B 93 -15.51 -14.17 3.47
C SER B 93 -16.10 -14.98 4.62
N GLU B 94 -17.31 -15.49 4.44
CA GLU B 94 -18.04 -16.10 5.53
C GLU B 94 -17.81 -17.59 5.70
N LYS B 95 -17.31 -18.26 4.67
CA LYS B 95 -17.05 -19.70 4.82
C LYS B 95 -15.57 -19.98 4.97
N LEU B 96 -14.74 -19.33 4.15
CA LEU B 96 -13.31 -19.61 4.18
C LEU B 96 -12.53 -18.62 5.04
N HIS B 97 -13.08 -17.46 5.30
CA HIS B 97 -12.49 -16.41 6.11
C HIS B 97 -11.09 -16.01 5.62
N VAL B 98 -11.02 -15.69 4.33
CA VAL B 98 -9.76 -15.30 3.70
C VAL B 98 -9.54 -13.80 3.68
N ASP B 99 -8.38 -13.35 4.16
CA ASP B 99 -8.04 -11.92 4.10
C ASP B 99 -7.97 -11.47 2.64
N PRO B 100 -8.88 -10.62 2.20
CA PRO B 100 -8.93 -10.26 0.78
C PRO B 100 -7.63 -9.66 0.26
N ASP B 101 -6.72 -9.17 1.10
CA ASP B 101 -5.49 -8.60 0.56
C ASP B 101 -4.70 -9.65 -0.23
N ASN B 102 -4.91 -10.91 0.11
CA ASN B 102 -4.27 -12.01 -0.60
C ASN B 102 -4.74 -12.08 -2.04
N PHE B 103 -5.90 -11.49 -2.32
CA PHE B 103 -6.45 -11.50 -3.67
C PHE B 103 -5.51 -10.76 -4.61
N LYS B 104 -4.94 -9.68 -4.08
CA LYS B 104 -4.03 -8.81 -4.79
C LYS B 104 -2.66 -9.45 -4.96
N LEU B 105 -2.15 -10.10 -3.93
CA LEU B 105 -0.88 -10.83 -3.97
C LEU B 105 -0.87 -11.93 -5.02
N LEU B 106 -1.91 -12.75 -5.03
CA LEU B 106 -2.06 -13.83 -6.00
C LEU B 106 -2.32 -13.29 -7.39
N SER B 107 -2.99 -12.14 -7.47
CA SER B 107 -3.26 -11.48 -8.74
C SER B 107 -1.93 -11.10 -9.41
N ASP B 108 -1.02 -10.65 -8.55
CA ASP B 108 0.31 -10.21 -8.96
C ASP B 108 1.16 -11.39 -9.44
N CYS B 109 1.05 -12.52 -8.79
CA CYS B 109 1.75 -13.74 -9.17
C CYS B 109 1.21 -14.26 -10.50
N ILE B 110 -0.11 -14.22 -10.62
CA ILE B 110 -0.75 -14.61 -11.87
C ILE B 110 -0.22 -13.72 -12.98
N THR B 111 -0.13 -12.42 -12.68
CA THR B 111 0.42 -11.51 -13.68
C THR B 111 1.88 -11.82 -13.96
N ILE B 112 2.62 -12.23 -12.92
CA ILE B 112 4.05 -12.45 -13.17
C ILE B 112 4.26 -13.74 -13.94
N VAL B 113 3.41 -14.74 -13.69
CA VAL B 113 3.55 -15.99 -14.44
C VAL B 113 3.07 -15.86 -15.86
N LEU B 114 1.93 -15.19 -16.08
CA LEU B 114 1.48 -14.99 -17.46
C LEU B 114 2.55 -14.30 -18.29
N ALA B 115 3.29 -13.39 -17.66
CA ALA B 115 4.35 -12.66 -18.34
C ALA B 115 5.50 -13.58 -18.74
N ALA B 116 5.88 -14.54 -17.88
CA ALA B 116 6.99 -15.43 -18.22
C ALA B 116 6.66 -16.28 -19.46
N LYS B 117 5.42 -16.73 -19.49
CA LYS B 117 4.79 -17.54 -20.53
C LYS B 117 4.66 -16.78 -21.84
N MET B 118 4.17 -15.54 -21.77
CA MET B 118 3.93 -14.75 -22.96
C MET B 118 5.16 -14.00 -23.45
N GLY B 119 6.17 -13.82 -22.62
CA GLY B 119 7.38 -13.13 -23.00
C GLY B 119 7.13 -11.82 -23.71
N HIS B 120 7.78 -11.59 -24.84
CA HIS B 120 7.61 -10.37 -25.61
C HIS B 120 6.15 -10.05 -25.87
N ALA B 121 5.27 -11.05 -25.92
CA ALA B 121 3.85 -10.79 -26.14
C ALA B 121 3.23 -10.05 -24.97
N PHE B 122 3.85 -10.11 -23.78
CA PHE B 122 3.28 -9.38 -22.65
C PHE B 122 3.70 -7.92 -22.72
N THR B 123 3.09 -7.18 -23.65
CA THR B 123 3.43 -5.77 -23.83
C THR B 123 2.88 -4.93 -22.70
N ALA B 124 3.28 -3.66 -22.69
CA ALA B 124 2.76 -2.75 -21.67
C ALA B 124 1.24 -2.70 -21.80
N GLU B 125 0.75 -2.57 -23.03
CA GLU B 125 -0.69 -2.50 -23.29
C GLU B 125 -1.41 -3.76 -22.84
N THR B 126 -0.69 -4.87 -22.81
CA THR B 126 -1.31 -6.13 -22.40
C THR B 126 -1.30 -6.26 -20.88
N GLN B 127 -0.29 -5.67 -20.26
CA GLN B 127 -0.17 -5.70 -18.80
C GLN B 127 -1.26 -4.83 -18.20
N GLY B 128 -1.46 -3.67 -18.83
CA GLY B 128 -2.49 -2.74 -18.38
C GLY B 128 -3.87 -3.36 -18.47
N ALA B 129 -4.15 -4.02 -19.60
CA ALA B 129 -5.47 -4.61 -19.78
C ALA B 129 -5.69 -5.74 -18.79
N PHE B 130 -4.65 -6.56 -18.62
CA PHE B 130 -4.77 -7.69 -17.70
C PHE B 130 -4.90 -7.22 -16.25
N GLN B 131 -4.10 -6.26 -15.83
CA GLN B 131 -4.15 -5.79 -14.44
C GLN B 131 -5.48 -5.11 -14.16
N LYS B 132 -5.91 -4.28 -15.11
CA LYS B 132 -7.25 -3.68 -15.02
C LYS B 132 -8.30 -4.76 -14.77
N PHE B 133 -8.26 -5.81 -15.60
CA PHE B 133 -9.22 -6.91 -15.42
C PHE B 133 -9.10 -7.52 -14.04
N LEU B 134 -7.87 -7.81 -13.61
CA LEU B 134 -7.64 -8.46 -12.31
C LEU B 134 -8.06 -7.57 -11.15
N ALA B 135 -7.76 -6.27 -11.21
CA ALA B 135 -8.13 -5.38 -10.12
C ALA B 135 -9.64 -5.36 -9.92
N ALA B 136 -10.35 -5.30 -11.03
CA ALA B 136 -11.81 -5.36 -11.05
C ALA B 136 -12.30 -6.63 -10.37
N VAL B 137 -11.65 -7.74 -10.67
CA VAL B 137 -12.05 -9.00 -10.06
C VAL B 137 -11.72 -9.01 -8.58
N VAL B 138 -10.60 -8.37 -8.22
CA VAL B 138 -10.19 -8.32 -6.82
C VAL B 138 -11.22 -7.51 -6.03
N SER B 139 -11.61 -6.38 -6.60
CA SER B 139 -12.61 -5.55 -5.92
C SER B 139 -13.87 -6.36 -5.64
N ALA B 140 -14.29 -7.11 -6.64
CA ALA B 140 -15.49 -7.93 -6.59
C ALA B 140 -15.40 -9.03 -5.55
N LEU B 141 -14.20 -9.57 -5.35
CA LEU B 141 -13.99 -10.64 -4.38
C LEU B 141 -14.16 -10.16 -2.94
N GLY B 142 -13.75 -8.94 -2.65
CA GLY B 142 -13.89 -8.41 -1.30
C GLY B 142 -15.10 -7.52 -1.13
N LYS B 143 -16.10 -7.61 -1.99
CA LYS B 143 -17.28 -6.78 -1.84
C LYS B 143 -18.09 -7.17 -0.60
N GLN B 144 -18.31 -8.48 -0.44
CA GLN B 144 -19.17 -9.01 0.59
C GLN B 144 -18.50 -9.14 1.96
N TYR B 145 -17.41 -8.43 2.20
CA TYR B 145 -16.79 -8.49 3.52
C TYR B 145 -17.33 -7.39 4.42
N HIS B 146 -18.03 -7.77 5.49
CA HIS B 146 -18.54 -6.73 6.40
C HIS B 146 -18.49 -7.22 7.84
C ACE C 1 13.57 4.78 7.78
O ACE C 1 12.74 4.30 8.65
CH3 ACE C 1 13.22 5.03 6.40
N SER C 2 14.77 5.02 8.24
CA SER C 2 15.13 4.68 9.61
C SER C 2 15.02 5.89 10.54
N LEU C 3 14.99 5.56 11.82
CA LEU C 3 14.79 6.53 12.88
C LEU C 3 16.09 7.19 13.32
N SER C 4 16.11 8.50 13.20
CA SER C 4 17.18 9.36 13.68
C SER C 4 17.16 9.42 15.20
N ASP C 5 18.19 10.00 15.80
CA ASP C 5 18.13 10.19 17.26
C ASP C 5 16.90 11.03 17.57
N LYS C 6 16.71 12.07 16.76
CA LYS C 6 15.55 12.95 16.86
C LYS C 6 14.27 12.13 16.88
N ASP C 7 14.14 11.16 15.98
CA ASP C 7 12.95 10.30 16.01
C ASP C 7 12.91 9.48 17.29
N LYS C 8 14.08 8.98 17.72
CA LYS C 8 14.02 8.14 18.92
C LYS C 8 13.55 8.96 20.13
N ALA C 9 14.10 10.15 20.29
CA ALA C 9 13.72 11.02 21.39
C ALA C 9 12.23 11.33 21.40
N ALA C 10 11.73 11.85 20.27
CA ALA C 10 10.32 12.17 20.14
C ALA C 10 9.43 10.99 20.53
N VAL C 11 9.71 9.79 20.01
CA VAL C 11 8.88 8.66 20.41
C VAL C 11 8.92 8.39 21.91
N ARG C 12 10.11 8.50 22.49
CA ARG C 12 10.32 8.21 23.90
C ARG C 12 9.59 9.22 24.78
N ALA C 13 9.63 10.48 24.38
CA ALA C 13 8.92 11.53 25.11
C ALA C 13 7.40 11.35 25.10
N LEU C 14 6.83 11.05 23.95
CA LEU C 14 5.40 10.83 23.80
C LEU C 14 4.91 9.67 24.65
N TRP C 15 5.70 8.61 24.66
CA TRP C 15 5.34 7.40 25.39
C TRP C 15 5.48 7.60 26.89
N SER C 16 6.42 8.44 27.33
CA SER C 16 6.49 8.65 28.79
C SER C 16 5.28 9.47 29.22
N LYS C 17 4.74 10.22 28.27
CA LYS C 17 3.54 11.02 28.43
C LYS C 17 2.24 10.21 28.33
N ILE C 18 2.17 9.23 27.43
CA ILE C 18 0.87 8.58 27.21
C ILE C 18 0.86 7.11 27.59
N GLY C 19 2.03 6.52 27.84
CA GLY C 19 2.16 5.12 28.14
C GLY C 19 1.21 4.61 29.19
N LYS C 20 0.89 5.45 30.18
CA LYS C 20 -0.02 5.05 31.23
C LYS C 20 -1.36 4.59 30.69
N SER C 21 -1.76 5.17 29.56
CA SER C 21 -3.08 4.86 29.00
C SER C 21 -3.03 3.80 27.92
N SER C 22 -1.99 2.99 27.96
CA SER C 22 -1.76 1.97 26.94
C SER C 22 -2.97 1.06 26.77
N ASP C 23 -3.63 0.76 27.88
CA ASP C 23 -4.78 -0.13 27.89
C ASP C 23 -5.97 0.48 27.17
N ALA C 24 -6.25 1.76 27.42
CA ALA C 24 -7.35 2.39 26.68
C ALA C 24 -7.00 2.50 25.21
N ILE C 25 -5.78 2.93 24.91
CA ILE C 25 -5.34 3.02 23.51
C ILE C 25 -5.49 1.69 22.78
N GLY C 26 -5.10 0.58 23.42
CA GLY C 26 -5.18 -0.71 22.75
C GLY C 26 -6.59 -1.15 22.46
N ASN C 27 -7.45 -1.10 23.48
CA ASN C 27 -8.84 -1.50 23.26
C ASN C 27 -9.46 -0.64 22.17
N ASP C 28 -9.19 0.66 22.25
CA ASP C 28 -9.79 1.57 21.29
C ASP C 28 -9.31 1.29 19.88
N ALA C 29 -8.00 1.15 19.70
CA ALA C 29 -7.37 0.91 18.43
C ALA C 29 -7.86 -0.37 17.76
N LEU C 30 -7.89 -1.47 18.50
CA LEU C 30 -8.36 -2.71 17.89
C LEU C 30 -9.85 -2.64 17.59
N SER C 31 -10.59 -2.01 18.50
CA SER C 31 -12.03 -1.85 18.26
C SER C 31 -12.24 -1.12 16.95
N ARG C 32 -11.59 0.03 16.80
CA ARG C 32 -11.65 0.78 15.55
C ARG C 32 -11.28 -0.10 14.35
N MET C 33 -10.22 -0.87 14.51
CA MET C 33 -9.72 -1.67 13.38
C MET C 33 -10.81 -2.59 12.82
N ILE C 34 -11.47 -3.36 13.66
CA ILE C 34 -12.48 -4.28 13.18
C ILE C 34 -13.74 -3.56 12.70
N VAL C 35 -13.95 -2.33 13.12
CA VAL C 35 -15.13 -1.57 12.72
C VAL C 35 -14.94 -0.94 11.33
N VAL C 36 -13.88 -0.16 11.16
CA VAL C 36 -13.57 0.48 9.89
C VAL C 36 -12.99 -0.48 8.87
N TYR C 37 -12.39 -1.58 9.29
CA TYR C 37 -11.83 -2.57 8.36
C TYR C 37 -12.27 -3.97 8.77
N PRO C 38 -13.53 -4.28 8.48
CA PRO C 38 -14.19 -5.53 8.84
C PRO C 38 -13.46 -6.77 8.34
N GLN C 39 -12.77 -6.63 7.22
CA GLN C 39 -12.03 -7.75 6.63
C GLN C 39 -10.98 -8.30 7.58
N THR C 40 -10.53 -7.50 8.53
CA THR C 40 -9.52 -7.94 9.49
C THR C 40 -10.10 -8.89 10.52
N LYS C 41 -11.43 -9.06 10.45
CA LYS C 41 -12.10 -9.93 11.41
C LYS C 41 -11.78 -11.39 11.16
N ILE C 42 -11.38 -11.74 9.95
CA ILE C 42 -11.06 -13.13 9.61
C ILE C 42 -10.09 -13.74 10.60
N TYR C 43 -9.15 -12.94 11.10
CA TYR C 43 -8.16 -13.48 12.03
C TYR C 43 -8.77 -13.79 13.39
N PHE C 44 -10.02 -13.39 13.60
CA PHE C 44 -10.63 -13.60 14.91
C PHE C 44 -11.95 -14.33 14.82
N SER C 45 -12.21 -14.96 13.68
CA SER C 45 -13.46 -15.64 13.38
C SER C 45 -13.66 -16.93 14.16
N HIS C 46 -12.88 -17.16 15.19
CA HIS C 46 -12.86 -18.30 16.07
C HIS C 46 -13.07 -17.83 17.50
N TRP C 47 -13.51 -16.57 17.64
CA TRP C 47 -13.72 -15.92 18.91
C TRP C 47 -15.17 -15.52 19.20
N PRO C 48 -15.55 -15.65 20.45
CA PRO C 48 -16.92 -15.39 20.89
C PRO C 48 -17.18 -13.91 21.18
N ASP C 49 -16.31 -13.03 20.70
CA ASP C 49 -16.52 -11.60 20.87
C ASP C 49 -15.83 -10.82 19.76
N VAL C 50 -16.33 -10.98 18.53
CA VAL C 50 -15.80 -10.26 17.39
C VAL C 50 -16.48 -8.89 17.27
N THR C 51 -16.30 -8.07 18.28
CA THR C 51 -16.88 -6.75 18.43
C THR C 51 -16.06 -5.90 19.41
N PRO C 52 -16.13 -4.58 19.22
CA PRO C 52 -15.41 -3.61 20.03
C PRO C 52 -15.48 -3.93 21.52
N GLY C 53 -14.60 -3.31 22.30
CA GLY C 53 -14.54 -3.44 23.74
C GLY C 53 -14.75 -4.83 24.29
N SER C 54 -14.40 -5.86 23.54
CA SER C 54 -14.62 -7.24 23.97
C SER C 54 -13.55 -7.68 24.96
N PRO C 55 -13.83 -8.73 25.72
CA PRO C 55 -12.82 -9.29 26.63
C PRO C 55 -11.57 -9.68 25.84
N ASN C 56 -11.80 -10.23 24.64
CA ASN C 56 -10.67 -10.60 23.81
C ASN C 56 -10.09 -9.37 23.10
N ILE C 57 -10.95 -8.43 22.74
CA ILE C 57 -10.50 -7.17 22.13
C ILE C 57 -9.75 -6.32 23.16
N LYS C 58 -10.12 -6.54 24.42
CA LYS C 58 -9.49 -5.98 25.59
C LYS C 58 -8.16 -6.68 25.81
N ALA C 59 -8.18 -7.99 25.59
CA ALA C 59 -7.01 -8.84 25.73
C ALA C 59 -5.96 -8.52 24.67
N HIS C 60 -6.33 -8.77 23.42
CA HIS C 60 -5.37 -8.58 22.33
C HIS C 60 -4.86 -7.13 22.31
N GLY C 61 -5.77 -6.18 22.52
CA GLY C 61 -5.37 -4.78 22.57
C GLY C 61 -4.26 -4.61 23.60
N LYS C 62 -4.47 -5.22 24.75
CA LYS C 62 -3.50 -5.21 25.83
C LYS C 62 -2.16 -5.74 25.36
N LYS C 63 -2.20 -6.90 24.70
CA LYS C 63 -0.92 -7.48 24.29
C LYS C 63 -0.26 -6.61 23.23
N VAL C 64 -1.06 -6.04 22.33
CA VAL C 64 -0.51 -5.26 21.23
C VAL C 64 0.20 -4.02 21.75
N MET C 65 -0.44 -3.32 22.68
CA MET C 65 0.22 -2.12 23.24
C MET C 65 1.40 -2.55 24.11
N GLY C 66 1.37 -3.79 24.55
CA GLY C 66 2.48 -4.43 25.24
C GLY C 66 3.67 -4.59 24.29
N GLY C 67 3.39 -4.88 23.01
CA GLY C 67 4.47 -4.93 22.04
C GLY C 67 5.00 -3.52 21.78
N ILE C 68 4.09 -2.55 21.74
CA ILE C 68 4.47 -1.17 21.51
C ILE C 68 5.37 -0.67 22.65
N ALA C 69 5.02 -1.04 23.87
CA ALA C 69 5.84 -0.62 25.00
C ALA C 69 7.24 -1.21 24.84
N LEU C 70 7.27 -2.49 24.44
CA LEU C 70 8.54 -3.17 24.23
C LEU C 70 9.33 -2.57 23.08
N ALA C 71 8.65 -2.33 21.97
CA ALA C 71 9.30 -1.75 20.79
C ALA C 71 9.95 -0.41 21.13
N VAL C 72 9.33 0.32 22.07
CA VAL C 72 9.90 1.59 22.48
C VAL C 72 11.19 1.33 23.26
N SER C 73 11.13 0.36 24.18
CA SER C 73 12.30 0.00 24.95
C SER C 73 13.36 -0.61 24.05
N LYS C 74 12.93 -1.18 22.93
CA LYS C 74 13.77 -1.84 21.94
C LYS C 74 13.95 -0.97 20.69
N ILE C 75 13.67 0.31 20.86
CA ILE C 75 13.72 1.27 19.77
C ILE C 75 15.06 1.34 19.07
N ASP C 76 16.16 0.99 19.72
CA ASP C 76 17.48 1.07 19.08
C ASP C 76 17.78 -0.12 18.17
N ASP C 77 16.91 -1.12 18.17
CA ASP C 77 17.03 -2.29 17.34
C ASP C 77 15.75 -3.12 17.48
N LEU C 78 14.74 -2.70 16.73
CA LEU C 78 13.45 -3.38 16.72
C LEU C 78 13.55 -4.81 16.23
N LYS C 79 14.30 -5.01 15.15
CA LYS C 79 14.46 -6.35 14.57
C LYS C 79 14.92 -7.35 15.62
N THR C 80 15.98 -7.01 16.35
CA THR C 80 16.49 -7.85 17.43
C THR C 80 15.54 -7.84 18.62
N GLY C 81 14.96 -6.67 18.91
CA GLY C 81 14.05 -6.58 20.03
C GLY C 81 12.73 -7.29 19.84
N LEU C 82 12.24 -7.41 18.61
CA LEU C 82 10.93 -8.03 18.41
C LEU C 82 10.96 -9.34 17.64
N MET C 83 12.09 -10.03 17.54
CA MET C 83 12.10 -11.26 16.74
C MET C 83 11.08 -12.26 17.27
N GLU C 84 11.05 -12.40 18.59
CA GLU C 84 10.13 -13.34 19.22
C GLU C 84 8.70 -13.06 18.80
N LEU C 85 8.30 -11.79 18.86
CA LEU C 85 6.95 -11.44 18.41
C LEU C 85 6.77 -11.78 16.94
N SER C 86 7.76 -11.44 16.12
CA SER C 86 7.70 -11.67 14.68
C SER C 86 7.28 -13.10 14.34
N GLU C 87 7.86 -14.08 15.03
CA GLU C 87 7.53 -15.48 14.74
C GLU C 87 6.13 -15.87 15.17
N GLN C 88 5.59 -15.31 16.26
CA GLN C 88 4.22 -15.65 16.64
C GLN C 88 3.28 -15.27 15.47
N HIS C 89 3.35 -14.02 15.03
CA HIS C 89 2.52 -13.61 13.91
C HIS C 89 3.00 -14.27 12.63
N ALA C 90 4.27 -14.68 12.61
CA ALA C 90 4.84 -15.27 11.40
C ALA C 90 4.30 -16.68 11.15
N TYR C 91 5.03 -17.66 11.67
CA TYR C 91 4.78 -19.07 11.52
C TYR C 91 3.48 -19.50 12.20
N LYS C 92 3.16 -18.86 13.32
CA LYS C 92 2.01 -19.20 14.15
C LYS C 92 0.72 -18.56 13.66
N LEU C 93 0.59 -17.26 13.89
CA LEU C 93 -0.59 -16.48 13.51
C LEU C 93 -0.74 -16.35 12.00
N ARG C 94 0.35 -16.00 11.33
CA ARG C 94 0.28 -15.88 9.88
C ARG C 94 -0.66 -14.75 9.45
N VAL C 95 -0.39 -13.54 9.94
CA VAL C 95 -1.21 -12.39 9.57
C VAL C 95 -0.58 -11.60 8.43
N ASP C 96 -1.35 -11.33 7.38
CA ASP C 96 -0.79 -10.55 6.26
C ASP C 96 -0.31 -9.20 6.76
N PRO C 97 0.93 -8.88 6.41
CA PRO C 97 1.56 -7.65 6.90
C PRO C 97 0.77 -6.39 6.59
N SER C 98 -0.07 -6.42 5.56
CA SER C 98 -0.82 -5.23 5.16
C SER C 98 -1.73 -4.72 6.28
N ASN C 99 -2.11 -5.61 7.17
CA ASN C 99 -2.95 -5.30 8.32
C ASN C 99 -2.19 -4.44 9.33
N PHE C 100 -0.86 -4.59 9.41
CA PHE C 100 -0.10 -3.72 10.33
C PHE C 100 -0.29 -2.26 9.94
N LYS C 101 -0.27 -1.97 8.63
CA LYS C 101 -0.52 -0.59 8.23
C LYS C 101 -1.91 -0.15 8.72
N ILE C 102 -2.86 -1.08 8.70
CA ILE C 102 -4.22 -0.69 9.09
C ILE C 102 -4.26 -0.34 10.57
N LEU C 103 -3.67 -1.21 11.38
CA LEU C 103 -3.61 -1.02 12.84
C LEU C 103 -2.81 0.24 13.17
N ASN C 104 -1.68 0.46 12.49
CA ASN C 104 -0.85 1.61 12.79
C ASN C 104 -1.67 2.88 12.62
N HIS C 105 -2.39 2.95 11.50
CA HIS C 105 -3.30 4.06 11.26
C HIS C 105 -4.29 4.20 12.42
N CYS C 106 -4.95 3.11 12.79
CA CYS C 106 -5.95 3.24 13.86
C CYS C 106 -5.33 3.71 15.17
N ILE C 107 -4.04 3.41 15.35
CA ILE C 107 -3.39 3.78 16.60
C ILE C 107 -3.10 5.28 16.62
N LEU C 108 -2.81 5.88 15.47
CA LEU C 108 -2.55 7.31 15.40
C LEU C 108 -3.84 8.11 15.61
N VAL C 109 -4.96 7.59 15.10
CA VAL C 109 -6.27 8.23 15.27
C VAL C 109 -6.65 8.22 16.75
N VAL C 110 -6.51 7.08 17.40
CA VAL C 110 -6.80 6.98 18.82
C VAL C 110 -5.96 7.94 19.65
N ILE C 111 -4.64 7.86 19.50
CA ILE C 111 -3.73 8.73 20.25
C ILE C 111 -4.12 10.18 20.03
N SER C 112 -4.50 10.50 18.80
CA SER C 112 -4.93 11.84 18.47
C SER C 112 -6.21 12.20 19.20
N THR C 113 -7.17 11.29 19.23
CA THR C 113 -8.43 11.52 19.92
C THR C 113 -8.16 11.74 21.41
N MET C 114 -7.14 11.07 21.92
CA MET C 114 -6.82 11.05 23.34
C MET C 114 -5.74 12.03 23.76
N PHE C 115 -4.80 12.40 22.89
CA PHE C 115 -3.73 13.30 23.34
C PHE C 115 -3.40 14.37 22.31
N PRO C 116 -4.38 15.16 21.90
CA PRO C 116 -4.20 16.12 20.81
C PRO C 116 -3.15 17.18 21.08
N LYS C 117 -2.86 17.49 22.34
CA LYS C 117 -1.87 18.53 22.62
C LYS C 117 -0.46 18.00 22.36
N GLU C 118 -0.25 16.77 22.80
CA GLU C 118 0.97 16.02 22.73
C GLU C 118 1.23 15.46 21.33
N PHE C 119 0.18 15.04 20.63
CA PHE C 119 0.34 14.52 19.28
C PHE C 119 0.50 15.64 18.25
N THR C 120 1.60 16.38 18.35
CA THR C 120 1.95 17.39 17.37
C THR C 120 2.33 16.72 16.05
N PRO C 121 2.47 17.48 14.97
CA PRO C 121 2.96 16.87 13.72
C PRO C 121 4.34 16.26 13.90
N GLU C 122 5.21 16.89 14.67
CA GLU C 122 6.55 16.36 14.88
C GLU C 122 6.48 14.99 15.56
N ALA C 123 5.59 14.85 16.54
CA ALA C 123 5.44 13.56 17.19
C ALA C 123 4.80 12.56 16.22
N HIS C 124 3.92 13.08 15.36
CA HIS C 124 3.21 12.21 14.43
C HIS C 124 4.21 11.56 13.47
N VAL C 125 4.96 12.39 12.74
CA VAL C 125 5.87 11.83 11.74
C VAL C 125 6.87 10.85 12.35
N SER C 126 7.45 11.18 13.51
CA SER C 126 8.40 10.28 14.14
C SER C 126 7.70 8.97 14.52
N LEU C 127 6.48 9.11 15.01
CA LEU C 127 5.71 7.95 15.41
C LEU C 127 5.30 7.14 14.19
N ASP C 128 4.92 7.81 13.11
CA ASP C 128 4.54 7.06 11.90
C ASP C 128 5.73 6.21 11.46
N LYS C 129 6.88 6.84 11.36
CA LYS C 129 8.16 6.24 11.02
C LYS C 129 8.48 5.03 11.89
N PHE C 130 8.25 5.20 13.20
CA PHE C 130 8.48 4.15 14.19
C PHE C 130 7.52 2.99 13.99
N LEU C 131 6.21 3.29 13.87
CA LEU C 131 5.28 2.18 13.67
C LEU C 131 5.54 1.46 12.36
N SER C 132 6.09 2.14 11.35
CA SER C 132 6.43 1.41 10.12
C SER C 132 7.59 0.45 10.41
N GLY C 133 8.52 0.94 11.23
CA GLY C 133 9.66 0.14 11.64
C GLY C 133 9.23 -1.07 12.43
N VAL C 134 8.23 -0.91 13.29
CA VAL C 134 7.76 -2.06 14.07
C VAL C 134 7.11 -3.10 13.17
N ALA C 135 6.21 -2.64 12.29
CA ALA C 135 5.56 -3.54 11.36
C ALA C 135 6.57 -4.30 10.51
N LEU C 136 7.53 -3.59 9.93
CA LEU C 136 8.57 -4.28 9.17
C LEU C 136 9.30 -5.28 10.07
N ALA C 137 9.45 -4.93 11.34
CA ALA C 137 10.11 -5.82 12.29
C ALA C 137 9.22 -7.02 12.56
N LEU C 138 7.91 -6.79 12.62
CA LEU C 138 6.98 -7.90 12.83
C LEU C 138 7.00 -8.88 11.66
N ALA C 139 7.34 -8.35 10.49
CA ALA C 139 7.39 -9.12 9.25
C ALA C 139 8.71 -9.85 9.02
N GLU C 140 9.71 -9.65 9.85
CA GLU C 140 11.04 -10.18 9.66
C GLU C 140 11.09 -11.67 9.33
N ARG C 141 10.29 -12.48 10.00
CA ARG C 141 10.33 -13.92 9.90
C ARG C 141 9.32 -14.51 8.92
N TYR C 142 8.77 -13.68 8.05
CA TYR C 142 7.71 -14.11 7.15
C TYR C 142 8.17 -14.85 5.91
N ARG C 143 9.27 -14.43 5.29
CA ARG C 143 9.67 -15.09 4.05
C ARG C 143 11.15 -14.85 3.74
N VAL D 1 -20.26 4.09 -4.34
CA VAL D 1 -21.58 4.62 -4.02
C VAL D 1 -22.19 3.90 -2.83
N GLU D 2 -23.49 4.06 -2.70
CA GLU D 2 -24.41 3.58 -1.69
C GLU D 2 -24.01 4.00 -0.28
N TRP D 3 -24.90 4.75 0.36
CA TRP D 3 -24.71 5.31 1.69
C TRP D 3 -25.86 4.97 2.61
N THR D 4 -25.61 4.43 3.81
CA THR D 4 -26.77 4.24 4.70
C THR D 4 -27.26 5.62 5.13
N ASP D 5 -28.51 5.71 5.57
CA ASP D 5 -28.99 7.00 6.09
C ASP D 5 -28.07 7.48 7.21
N LYS D 6 -27.67 6.58 8.08
CA LYS D 6 -26.77 6.90 9.19
C LYS D 6 -25.52 7.60 8.68
N GLU D 7 -24.88 6.98 7.68
CA GLU D 7 -23.69 7.60 7.10
C GLU D 7 -24.04 8.98 6.60
N ARG D 8 -25.19 9.08 5.92
CA ARG D 8 -25.60 10.38 5.39
C ARG D 8 -25.66 11.39 6.52
N SER D 9 -26.25 11.01 7.64
CA SER D 9 -26.37 11.96 8.75
C SER D 9 -25.00 12.28 9.35
N ILE D 10 -24.19 11.25 9.62
CA ILE D 10 -22.88 11.46 10.21
C ILE D 10 -22.09 12.49 9.43
N ILE D 11 -21.99 12.27 8.12
CA ILE D 11 -21.29 13.24 7.27
C ILE D 11 -21.90 14.63 7.42
N SER D 12 -23.22 14.74 7.38
CA SER D 12 -23.88 16.03 7.56
C SER D 12 -23.58 16.61 8.94
N ASP D 13 -23.61 15.76 9.96
CA ASP D 13 -23.21 16.18 11.29
C ASP D 13 -21.79 16.76 11.27
N ILE D 14 -20.83 15.95 10.80
CA ILE D 14 -19.43 16.39 10.76
C ILE D 14 -19.27 17.73 10.08
N PHE D 15 -19.82 17.87 8.87
CA PHE D 15 -19.59 19.12 8.15
C PHE D 15 -20.32 20.29 8.80
N SER D 16 -21.51 20.03 9.32
CA SER D 16 -22.29 21.08 9.98
C SER D 16 -21.44 21.79 11.03
N HIS D 17 -20.72 21.03 11.86
CA HIS D 17 -19.90 21.71 12.88
C HIS D 17 -18.43 21.75 12.52
N MET D 18 -18.08 21.70 11.23
CA MET D 18 -16.66 21.72 10.90
C MET D 18 -16.11 23.15 10.84
N ASP D 19 -15.11 23.40 11.66
CA ASP D 19 -14.43 24.69 11.72
C ASP D 19 -13.29 24.68 10.70
N TYR D 20 -13.66 25.04 9.47
CA TYR D 20 -12.78 25.01 8.32
C TYR D 20 -11.53 25.86 8.50
N ASP D 21 -11.68 27.01 9.15
CA ASP D 21 -10.57 27.93 9.36
C ASP D 21 -9.57 27.37 10.36
N ASP D 22 -10.02 26.34 11.06
CA ASP D 22 -9.19 25.71 12.07
C ASP D 22 -8.61 24.38 11.59
N ILE D 23 -9.46 23.48 11.13
CA ILE D 23 -9.09 22.15 10.67
C ILE D 23 -8.22 22.20 9.42
N GLY D 24 -8.60 23.03 8.47
CA GLY D 24 -7.91 23.16 7.20
C GLY D 24 -6.44 23.45 7.33
N PRO D 25 -6.09 24.58 7.94
CA PRO D 25 -4.67 24.94 8.07
C PRO D 25 -3.89 23.83 8.79
N LYS D 26 -4.50 23.30 9.84
CA LYS D 26 -3.91 22.23 10.62
C LYS D 26 -3.74 20.95 9.81
N ALA D 27 -4.68 20.65 8.92
CA ALA D 27 -4.54 19.43 8.12
C ALA D 27 -3.43 19.52 7.10
N LEU D 28 -3.33 20.62 6.36
CA LEU D 28 -2.31 20.73 5.32
C LEU D 28 -0.91 20.90 5.90
N SER D 29 -0.78 21.66 6.99
CA SER D 29 0.51 21.78 7.66
C SER D 29 1.02 20.41 8.12
N ARG D 30 0.17 19.69 8.86
CA ARG D 30 0.56 18.37 9.36
C ARG D 30 0.98 17.48 8.20
N CYS D 31 0.29 17.57 7.06
CA CYS D 31 0.65 16.76 5.91
C CYS D 31 2.05 17.09 5.41
N LEU D 32 2.39 18.39 5.44
CA LEU D 32 3.66 18.85 4.92
C LEU D 32 4.80 18.48 5.84
N VAL D 33 4.52 18.18 7.12
CA VAL D 33 5.65 17.78 7.96
C VAL D 33 5.81 16.27 8.01
N VAL D 34 4.71 15.54 7.88
CA VAL D 34 4.76 14.09 7.98
C VAL D 34 5.00 13.46 6.62
N TYR D 35 4.67 14.20 5.57
CA TYR D 35 4.93 13.73 4.21
C TYR D 35 5.53 14.90 3.41
N PRO D 36 6.78 15.18 3.76
CA PRO D 36 7.51 16.35 3.25
C PRO D 36 7.57 16.43 1.74
N TRP D 37 7.43 15.32 1.03
CA TRP D 37 7.46 15.39 -0.43
C TRP D 37 6.28 16.19 -0.95
N THR D 38 5.21 16.32 -0.15
CA THR D 38 4.08 17.11 -0.63
C THR D 38 4.41 18.60 -0.61
N GLN D 39 5.55 18.96 -0.04
CA GLN D 39 5.96 20.35 -0.01
C GLN D 39 6.32 20.87 -1.40
N ARG D 40 6.54 19.94 -2.31
CA ARG D 40 6.96 20.26 -3.68
C ARG D 40 5.94 21.15 -4.38
N TYR D 41 4.65 20.88 -4.18
CA TYR D 41 3.61 21.61 -4.89
C TYR D 41 3.37 23.01 -4.33
N PHE D 42 4.06 23.40 -3.27
CA PHE D 42 3.80 24.73 -2.68
C PHE D 42 5.07 25.56 -2.62
N SER D 43 5.70 25.66 -3.79
CA SER D 43 6.94 26.38 -4.01
C SER D 43 6.78 27.89 -3.88
N GLY D 44 5.65 28.44 -4.34
CA GLY D 44 5.43 29.87 -4.26
C GLY D 44 4.99 30.32 -2.88
N PHE D 45 4.69 29.36 -2.02
CA PHE D 45 4.22 29.58 -0.66
C PHE D 45 5.25 30.21 0.24
N GLY D 46 6.54 30.17 -0.13
CA GLY D 46 7.56 30.75 0.71
C GLY D 46 8.26 29.75 1.61
N ASN D 47 8.39 30.09 2.89
CA ASN D 47 9.10 29.34 3.92
C ASN D 47 8.47 27.99 4.23
N LEU D 48 9.18 26.92 3.88
CA LEU D 48 8.76 25.57 4.21
C LEU D 48 9.80 24.89 5.12
N TYR D 49 10.92 25.56 5.29
CA TYR D 49 12.15 25.15 5.94
C TYR D 49 12.00 24.31 7.18
N ASN D 50 11.00 24.53 8.04
CA ASN D 50 10.89 23.66 9.21
C ASN D 50 9.42 23.49 9.61
N ALA D 51 9.18 22.79 10.70
CA ALA D 51 7.82 22.54 11.17
C ALA D 51 7.14 23.82 11.62
N GLU D 52 7.76 24.51 12.57
CA GLU D 52 7.28 25.79 13.09
C GLU D 52 6.83 26.71 11.95
N GLY D 53 7.74 26.88 10.99
CA GLY D 53 7.54 27.70 9.81
C GLY D 53 6.37 27.22 8.97
N ILE D 54 6.16 25.91 8.93
CA ILE D 54 5.00 25.40 8.19
C ILE D 54 3.72 25.71 8.97
N MET D 55 3.79 25.51 10.28
CA MET D 55 2.68 25.72 11.20
C MET D 55 2.23 27.18 11.22
N SER D 56 3.13 28.11 10.93
CA SER D 56 2.76 29.52 10.99
C SER D 56 2.88 30.20 9.64
N ASN D 57 2.82 29.41 8.57
CA ASN D 57 2.83 29.93 7.21
C ASN D 57 1.41 30.28 6.77
N ALA D 58 1.14 31.56 6.53
CA ALA D 58 -0.20 32.00 6.13
C ALA D 58 -0.63 31.40 4.81
N ASN D 59 0.26 31.37 3.81
CA ASN D 59 -0.16 30.82 2.52
C ASN D 59 -0.60 29.37 2.67
N VAL D 60 0.09 28.63 3.53
CA VAL D 60 -0.33 27.25 3.73
C VAL D 60 -1.71 27.19 4.39
N ALA D 61 -1.91 28.10 5.33
CA ALA D 61 -3.18 28.13 6.07
C ALA D 61 -4.32 28.38 5.10
N ALA D 62 -4.22 29.50 4.41
CA ALA D 62 -5.25 29.86 3.44
C ALA D 62 -5.45 28.74 2.44
N HIS D 63 -4.39 28.09 1.98
CA HIS D 63 -4.65 27.02 1.02
C HIS D 63 -5.30 25.80 1.66
N GLY D 64 -4.93 25.51 2.91
CA GLY D 64 -5.58 24.42 3.62
C GLY D 64 -7.06 24.71 3.82
N ILE D 65 -7.43 25.94 4.18
CA ILE D 65 -8.84 26.24 4.40
C ILE D 65 -9.68 25.99 3.15
N LYS D 66 -9.06 26.26 2.01
CA LYS D 66 -9.55 26.14 0.65
C LYS D 66 -9.76 24.70 0.22
N VAL D 67 -8.76 23.85 0.42
CA VAL D 67 -8.79 22.44 0.08
C VAL D 67 -9.91 21.69 0.76
N LEU D 68 -10.20 22.06 2.01
CA LEU D 68 -11.26 21.43 2.78
C LEU D 68 -12.63 21.83 2.27
N HIS D 69 -12.74 23.05 1.76
CA HIS D 69 -13.99 23.52 1.17
C HIS D 69 -14.27 22.75 -0.12
N GLY D 70 -13.21 22.30 -0.76
CA GLY D 70 -13.22 21.50 -1.97
C GLY D 70 -14.03 20.23 -1.78
N LEU D 71 -14.13 19.78 -0.54
CA LEU D 71 -14.87 18.60 -0.11
C LEU D 71 -16.37 18.85 -0.14
N ASP D 72 -16.71 20.13 -0.03
CA ASP D 72 -18.10 20.54 0.10
C ASP D 72 -18.97 19.96 -1.01
N ARG D 73 -18.51 20.09 -2.25
CA ARG D 73 -19.28 19.56 -3.37
C ARG D 73 -19.58 18.09 -3.19
N GLY D 74 -18.57 17.33 -2.77
CA GLY D 74 -18.78 15.91 -2.56
C GLY D 74 -19.89 15.64 -1.57
N MET D 75 -19.86 16.29 -0.41
CA MET D 75 -20.86 16.03 0.62
C MET D 75 -22.25 16.53 0.24
N LYS D 76 -22.33 17.49 -0.68
CA LYS D 76 -23.59 18.01 -1.17
C LYS D 76 -24.04 17.27 -2.43
N ASN D 77 -23.18 16.40 -2.91
CA ASN D 77 -23.40 15.60 -4.12
C ASN D 77 -23.00 14.15 -3.86
N MET D 78 -23.49 13.64 -2.75
CA MET D 78 -23.12 12.34 -2.22
C MET D 78 -23.36 11.19 -3.17
N ASP D 79 -24.36 11.30 -4.06
CA ASP D 79 -24.57 10.12 -4.91
C ASP D 79 -23.92 10.33 -6.28
N ASN D 80 -23.09 11.36 -6.41
CA ASN D 80 -22.39 11.59 -7.67
C ASN D 80 -21.01 12.19 -7.46
N ILE D 81 -20.24 11.63 -6.53
CA ILE D 81 -18.89 12.16 -6.26
C ILE D 81 -17.96 12.05 -7.45
N ALA D 82 -18.11 11.02 -8.28
CA ALA D 82 -17.21 10.91 -9.44
C ALA D 82 -17.30 12.14 -10.34
N ASP D 83 -18.52 12.42 -10.77
CA ASP D 83 -18.81 13.53 -11.67
C ASP D 83 -18.51 14.87 -11.03
N ALA D 84 -18.78 14.98 -9.73
CA ALA D 84 -18.62 16.26 -9.04
C ALA D 84 -17.20 16.77 -9.03
N TYR D 85 -16.22 15.87 -9.11
CA TYR D 85 -14.83 16.28 -8.99
C TYR D 85 -14.05 16.10 -10.27
N THR D 86 -14.75 15.76 -11.36
CA THR D 86 -14.05 15.48 -12.62
C THR D 86 -13.16 16.64 -13.04
N ASP D 87 -13.67 17.86 -12.97
CA ASP D 87 -12.92 19.06 -13.31
C ASP D 87 -11.71 19.25 -12.40
N LEU D 88 -11.94 19.32 -11.10
CA LEU D 88 -10.88 19.40 -10.10
C LEU D 88 -9.80 18.34 -10.36
N SER D 89 -10.25 17.13 -10.71
CA SER D 89 -9.27 16.09 -11.02
C SER D 89 -8.37 16.58 -12.15
N THR D 90 -9.01 16.99 -13.25
CA THR D 90 -8.24 17.45 -14.40
C THR D 90 -7.31 18.58 -14.01
N LEU D 91 -7.80 19.51 -13.19
CA LEU D 91 -6.96 20.61 -12.73
C LEU D 91 -5.69 20.10 -12.04
N HIS D 92 -5.88 19.12 -11.16
CA HIS D 92 -4.76 18.59 -10.39
C HIS D 92 -3.79 17.79 -11.25
N SER D 93 -4.34 17.15 -12.28
CA SER D 93 -3.55 16.26 -13.12
C SER D 93 -2.80 16.97 -14.23
N GLU D 94 -3.52 17.75 -15.02
CA GLU D 94 -2.92 18.38 -16.18
C GLU D 94 -2.38 19.76 -15.92
N LYS D 95 -2.89 20.47 -14.91
CA LYS D 95 -2.38 21.81 -14.64
C LYS D 95 -1.38 21.81 -13.50
N LEU D 96 -1.73 21.15 -12.41
CA LEU D 96 -0.88 21.20 -11.22
C LEU D 96 0.13 20.06 -11.14
N HIS D 97 -0.08 19.02 -11.93
CA HIS D 97 0.74 17.82 -12.01
C HIS D 97 0.94 17.18 -10.64
N VAL D 98 -0.14 17.02 -9.89
CA VAL D 98 -0.08 16.50 -8.53
C VAL D 98 -0.16 14.98 -8.46
N ASP D 99 0.81 14.36 -7.79
CA ASP D 99 0.80 12.90 -7.66
C ASP D 99 -0.41 12.47 -6.83
N PRO D 100 -1.34 11.73 -7.44
CA PRO D 100 -2.60 11.41 -6.75
C PRO D 100 -2.39 10.57 -5.50
N ASP D 101 -1.19 10.06 -5.23
CA ASP D 101 -0.99 9.33 -3.96
C ASP D 101 -1.10 10.27 -2.77
N ASN D 102 -0.72 11.54 -2.96
CA ASN D 102 -0.78 12.52 -1.89
C ASN D 102 -2.22 12.83 -1.49
N PHE D 103 -3.17 12.40 -2.33
CA PHE D 103 -4.58 12.62 -2.01
C PHE D 103 -4.95 11.77 -0.78
N LYS D 104 -4.46 10.54 -0.76
CA LYS D 104 -4.69 9.63 0.35
C LYS D 104 -3.99 10.08 1.63
N LEU D 105 -2.76 10.57 1.47
CA LEU D 105 -1.99 11.06 2.61
C LEU D 105 -2.68 12.23 3.30
N LEU D 106 -3.23 13.15 2.50
CA LEU D 106 -3.87 14.34 3.07
C LEU D 106 -5.19 13.98 3.73
N SER D 107 -5.93 13.03 3.16
CA SER D 107 -7.18 12.59 3.78
C SER D 107 -6.89 12.04 5.17
N ASP D 108 -5.78 11.34 5.26
CA ASP D 108 -5.29 10.76 6.50
C ASP D 108 -5.03 11.84 7.55
N CYS D 109 -4.35 12.90 7.16
CA CYS D 109 -4.00 14.04 8.00
C CYS D 109 -5.25 14.80 8.42
N ILE D 110 -6.12 15.00 7.44
CA ILE D 110 -7.43 15.59 7.73
C ILE D 110 -8.14 14.74 8.76
N THR D 111 -8.19 13.44 8.47
CA THR D 111 -8.86 12.51 9.36
C THR D 111 -8.31 12.59 10.78
N ILE D 112 -6.99 12.65 10.91
CA ILE D 112 -6.42 12.64 12.25
C ILE D 112 -6.62 13.99 12.94
N VAL D 113 -6.61 15.08 12.19
CA VAL D 113 -6.80 16.39 12.81
C VAL D 113 -8.24 16.57 13.31
N LEU D 114 -9.20 16.18 12.48
CA LEU D 114 -10.59 16.21 12.93
C LEU D 114 -10.76 15.34 14.17
N ALA D 115 -10.01 14.24 14.22
CA ALA D 115 -10.09 13.32 15.36
C ALA D 115 -9.60 13.98 16.64
N ALA D 116 -8.51 14.74 16.57
CA ALA D 116 -8.03 15.51 17.71
C ALA D 116 -9.12 16.43 18.26
N LYS D 117 -9.86 17.04 17.35
CA LYS D 117 -10.94 17.97 17.61
C LYS D 117 -12.17 17.29 18.18
N MET D 118 -12.69 16.28 17.50
CA MET D 118 -13.93 15.64 17.93
C MET D 118 -13.74 14.70 19.11
N GLY D 119 -12.48 14.38 19.41
CA GLY D 119 -12.13 13.54 20.53
C GLY D 119 -12.92 12.26 20.65
N HIS D 120 -13.29 11.90 21.89
CA HIS D 120 -14.03 10.67 22.13
C HIS D 120 -15.28 10.58 21.27
N ALA D 121 -15.86 11.72 20.88
CA ALA D 121 -17.01 11.73 20.00
C ALA D 121 -16.63 11.27 18.59
N PHE D 122 -15.33 11.15 18.33
CA PHE D 122 -14.90 10.63 17.03
C PHE D 122 -14.93 9.11 17.11
N THR D 123 -16.12 8.53 17.10
CA THR D 123 -16.27 7.10 17.29
C THR D 123 -15.71 6.32 16.10
N ALA D 124 -15.59 5.01 16.30
CA ALA D 124 -15.18 4.15 15.20
C ALA D 124 -16.14 4.31 14.04
N GLU D 125 -17.43 4.21 14.31
CA GLU D 125 -18.47 4.33 13.29
C GLU D 125 -18.45 5.68 12.60
N THR D 126 -18.08 6.73 13.33
CA THR D 126 -18.02 8.04 12.70
C THR D 126 -16.79 8.14 11.79
N GLN D 127 -15.75 7.43 12.22
CA GLN D 127 -14.50 7.42 11.48
C GLN D 127 -14.72 6.70 10.15
N GLY D 128 -15.35 5.54 10.26
CA GLY D 128 -15.66 4.70 9.11
C GLY D 128 -16.40 5.46 8.03
N ALA D 129 -17.37 6.27 8.43
CA ALA D 129 -18.16 7.02 7.44
C ALA D 129 -17.33 8.18 6.89
N PHE D 130 -16.54 8.83 7.74
CA PHE D 130 -15.71 9.93 7.22
C PHE D 130 -14.64 9.38 6.27
N GLN D 131 -14.00 8.26 6.60
CA GLN D 131 -12.98 7.70 5.71
C GLN D 131 -13.60 7.25 4.39
N LYS D 132 -14.74 6.58 4.48
CA LYS D 132 -15.50 6.20 3.30
C LYS D 132 -15.74 7.42 2.42
N PHE D 133 -16.27 8.51 3.02
CA PHE D 133 -16.49 9.68 2.18
C PHE D 133 -15.18 10.20 1.61
N LEU D 134 -14.15 10.30 2.46
CA LEU D 134 -12.85 10.79 2.03
C LEU D 134 -12.28 9.86 0.95
N ALA D 135 -12.55 8.57 1.03
CA ALA D 135 -12.04 7.64 0.04
C ALA D 135 -12.65 7.93 -1.33
N ALA D 136 -13.98 8.03 -1.36
CA ALA D 136 -14.67 8.30 -2.63
C ALA D 136 -14.15 9.59 -3.23
N VAL D 137 -13.95 10.60 -2.38
CA VAL D 137 -13.40 11.85 -2.90
C VAL D 137 -12.03 11.63 -3.50
N VAL D 138 -11.23 10.77 -2.87
CA VAL D 138 -9.87 10.55 -3.38
C VAL D 138 -9.92 9.77 -4.67
N SER D 139 -10.88 8.86 -4.77
CA SER D 139 -11.04 8.12 -6.03
C SER D 139 -11.38 9.09 -7.16
N ALA D 140 -12.36 9.95 -6.91
CA ALA D 140 -12.87 10.90 -7.88
C ALA D 140 -11.80 11.86 -8.39
N LEU D 141 -10.82 12.14 -7.54
CA LEU D 141 -9.76 13.08 -7.85
C LEU D 141 -8.71 12.49 -8.77
N GLY D 142 -8.44 11.20 -8.68
CA GLY D 142 -7.41 10.61 -9.51
C GLY D 142 -7.91 9.95 -10.77
N LYS D 143 -9.20 10.09 -11.10
CA LYS D 143 -9.73 9.41 -12.28
C LYS D 143 -9.18 10.02 -13.56
N GLN D 144 -9.16 11.35 -13.65
CA GLN D 144 -8.71 12.06 -14.83
C GLN D 144 -7.21 11.99 -15.08
N TYR D 145 -6.52 11.02 -14.52
CA TYR D 145 -5.08 10.90 -14.73
C TYR D 145 -4.78 9.85 -15.79
N HIS D 146 -4.22 10.22 -16.95
CA HIS D 146 -3.85 9.19 -17.92
C HIS D 146 -2.73 9.66 -18.85
CHA HEM E . 16.94 10.67 -11.63
CHB HEM E . 17.85 6.22 -9.98
CHC HEM E . 13.12 5.52 -9.28
CHD HEM E . 12.20 9.84 -11.23
C1A HEM E . 17.60 9.50 -11.30
C2A HEM E . 19.00 9.23 -11.53
C3A HEM E . 19.25 8.01 -11.05
C4A HEM E . 18.02 7.48 -10.52
CMA HEM E . 20.57 7.21 -11.06
CAA HEM E . 19.96 10.20 -12.23
CBA HEM E . 20.09 11.63 -11.73
CGA HEM E . 20.67 12.62 -12.70
O1A HEM E . 21.22 13.65 -12.24
O2A HEM E . 20.55 12.35 -13.93
C1B HEM E . 16.65 5.64 -9.64
C2B HEM E . 16.49 4.35 -9.02
C3B HEM E . 15.18 4.16 -8.81
C4B HEM E . 14.49 5.32 -9.33
CMB HEM E . 17.67 3.41 -8.70
CAB HEM E . 14.46 2.94 -8.21
CBB HEM E . 14.77 1.71 -8.64
C1C HEM E . 12.46 6.63 -9.76
C2C HEM E . 11.01 6.79 -9.80
C3C HEM E . 10.76 7.98 -10.35
C4C HEM E . 12.03 8.59 -10.68
CMC HEM E . 10.04 5.72 -9.26
CAC HEM E . 9.40 8.65 -10.65
CBC HEM E . 8.37 8.51 -9.82
C1D HEM E . 13.41 10.45 -11.51
C2D HEM E . 13.57 11.71 -12.20
C3D HEM E . 14.88 11.94 -12.31
C4D HEM E . 15.57 10.81 -11.72
CMD HEM E . 12.40 12.59 -12.66
CAD HEM E . 15.62 13.10 -13.00
CBD HEM E . 16.30 12.82 -14.34
CGD HEM E . 17.77 12.48 -14.28
O1D HEM E . 18.59 13.44 -14.40
O2D HEM E . 18.07 11.28 -14.11
NA HEM E . 17.01 8.41 -10.69
NB HEM E . 15.41 6.23 -9.81
NC HEM E . 13.06 7.74 -10.30
ND HEM E . 14.65 9.91 -11.22
FE HEM E . 15.04 8.12 -10.38
CHA HEM F . -11.75 -21.66 -3.22
CHB HEM F . -11.46 -18.38 -6.76
CHC HEM F . -7.97 -16.08 -4.33
CHD HEM F . -8.35 -19.28 -0.74
C1A HEM F . -11.92 -21.02 -4.43
C2A HEM F . -12.75 -21.47 -5.52
C3A HEM F . -12.66 -20.58 -6.51
C4A HEM F . -11.78 -19.52 -6.05
CMA HEM F . -13.37 -20.55 -7.88
CAA HEM F . -13.61 -22.76 -5.47
CBA HEM F . -15.09 -22.59 -5.13
CGA HEM F . -15.83 -23.84 -4.72
O1A HEM F . -15.18 -24.91 -4.69
O2A HEM F . -17.04 -23.71 -4.44
C1B HEM F . -10.50 -17.45 -6.40
C2B HEM F . -10.11 -16.29 -7.18
C3B HEM F . -9.13 -15.68 -6.53
C4B HEM F . -8.90 -16.41 -5.30
CMB HEM F . -10.77 -15.93 -8.53
CAB HEM F . -8.38 -14.38 -6.89
CBB HEM F . -8.05 -14.11 -8.15
C1C HEM F . -7.71 -16.80 -3.19
C2C HEM F . -6.60 -16.57 -2.28
C3C HEM F . -6.71 -17.46 -1.29
C4C HEM F . -7.90 -18.25 -1.53
CMC HEM F . -5.55 -15.47 -2.54
CAC HEM F . -5.84 -17.63 -0.03
CBC HEM F . -4.54 -17.36 -0.04
C1D HEM F . -9.28 -20.23 -1.12
C2D HEM F . -9.60 -21.43 -0.38
C3D HEM F . -10.53 -22.09 -1.07
C4D HEM F . -10.83 -21.32 -2.25
CMD HEM F . -8.92 -21.82 0.96
CAD HEM F . -11.23 -23.43 -0.72
CBD HEM F . -10.65 -24.70 -1.32
CGD HEM F . -11.66 -25.68 -1.87
O1D HEM F . -12.14 -26.52 -1.07
O2D HEM F . -11.93 -25.58 -3.09
NA HEM F . -11.33 -19.82 -4.77
NB HEM F . -9.74 -17.51 -5.25
NC HEM F . -8.49 -17.85 -2.72
ND HEM F . -10.05 -20.18 -2.26
FE HEM F . -10.12 -18.68 -3.60
CHA HEM G . -1.38 -12.46 19.23
CHB HEM G . 1.18 -8.38 19.62
CHC HEM G . -0.91 -6.69 15.61
CHD HEM G . -3.55 -10.72 15.27
C1A HEM G . -0.50 -11.50 19.70
C2A HEM G . 0.33 -11.61 20.89
C3A HEM G . 1.02 -10.48 20.99
C4A HEM G . 0.65 -9.63 19.89
CMA HEM G . 2.05 -10.08 22.06
CAA HEM G . 0.31 -12.85 21.81
CBA HEM G . 0.95 -14.14 21.32
CGA HEM G . 1.73 -14.91 22.37
O1A HEM G . 1.70 -16.16 22.30
O2A HEM G . 2.35 -14.22 23.23
C1B HEM G . 0.82 -7.56 18.58
C2B HEM G . 1.39 -6.25 18.31
C3B HEM G . 0.78 -5.77 17.22
C4B HEM G . -0.15 -6.77 16.75
CMB HEM G . 2.47 -5.61 19.19
CAB HEM G . 1.03 -4.44 16.48
CBB HEM G . 1.27 -3.32 17.15
C1C HEM G . -1.80 -7.64 15.15
C2C HEM G . -2.69 -7.48 14.02
C3C HEM G . -3.43 -8.59 13.93
C4C HEM G . -3.03 -9.46 15.02
CMC HEM G . -2.69 -6.23 13.12
CAC HEM G . -4.54 -8.94 12.92
CBC HEM G . -5.40 -8.00 12.52
C1D HEM G . -3.23 -11.52 16.35
C2D HEM G . -3.91 -12.75 16.72
C3D HEM G . -3.32 -13.21 17.82
C4D HEM G . -2.23 -12.30 18.16
CMD HEM G . -5.09 -13.34 15.93
CAD HEM G . -3.65 -14.47 18.65
CBD HEM G . -3.97 -14.30 20.12
CGD HEM G . -5.39 -13.98 20.48
O1D HEM G . -5.63 -12.79 20.85
O2D HEM G . -6.24 -14.90 20.38
NA HEM G . -0.28 -10.29 19.09
NB HEM G . -0.11 -7.87 17.60
NC HEM G . -2.03 -8.86 15.74
ND HEM G . -2.20 -11.27 17.25
FE HEM G . -1.01 -9.65 17.32
CHA HEM H . -5.58 23.58 -5.57
CHB HEM H . -8.87 20.72 -3.49
CHC HEM H . -5.40 17.56 -2.34
CHD HEM H . -2.09 20.50 -4.28
C1A HEM H . -6.76 23.12 -5.03
C2A HEM H . -8.00 23.86 -4.96
C3A HEM H . -8.92 23.07 -4.41
C4A HEM H . -8.27 21.82 -4.08
CMA HEM H . -10.40 23.36 -4.07
CAA HEM H . -8.16 25.31 -5.48
CBA HEM H . -8.45 25.51 -6.96
CGA HEM H . -8.01 26.82 -7.55
O1A HEM H . -8.02 27.81 -6.78
O2A HEM H . -7.65 26.82 -8.75
C1B HEM H . -8.22 19.60 -3.02
C2B HEM H . -8.86 18.47 -2.37
C3B HEM H . -7.90 17.61 -2.02
C4B HEM H . -6.64 18.16 -2.48
CMB HEM H . -10.39 18.37 -2.18
CAB HEM H . -8.03 16.24 -1.33
CBB HEM H . -8.92 16.05 -0.35
C1C HEM H . -4.20 18.11 -2.71
C2C HEM H . -2.89 17.57 -2.40
C3C HEM H . -1.97 18.37 -2.95
C4C HEM H . -2.68 19.45 -3.63
CMC HEM H . -2.69 16.27 -1.58
CAC HEM H . -0.43 18.28 -2.91
CBC HEM H . 0.19 17.87 -1.81
C1D HEM H . -2.75 21.62 -4.75
C2D HEM H . -2.11 22.81 -5.29
C3D HEM H . -3.07 23.65 -5.66
C4D HEM H . -4.34 23.02 -5.37
CMD HEM H . -0.57 22.96 -5.40
CAD HEM H . -2.95 25.06 -6.28
CBD HEM H . -2.96 26.25 -5.31
CGD HEM H . -3.57 27.52 -5.83
O1D HEM H . -4.82 27.63 -5.76
O2D HEM H . -2.77 28.39 -6.29
NA HEM H . -6.94 21.86 -4.48
NB HEM H . -6.85 19.40 -3.08
NC HEM H . -4.04 19.26 -3.46
ND HEM H . -4.12 21.78 -4.80
FE HEM H . -5.51 20.46 -4.17
#